data_7O5Y
#
_entry.id   7O5Y
#
_cell.length_a   93.320
_cell.length_b   93.320
_cell.length_c   181.130
_cell.angle_alpha   90.000
_cell.angle_beta   90.000
_cell.angle_gamma   90.000
#
_symmetry.space_group_name_H-M   'P 43 21 2'
#
loop_
_entity.id
_entity.type
_entity.pdbx_description
1 polymer 'Type IV pilus biogenesis protein PilA'
2 non-polymer 'CHLORIDE ION'
3 water water
#
_entity_poly.entity_id   1
_entity_poly.type   'polypeptide(L)'
_entity_poly.pdbx_seq_one_letter_code
;(MSE)DHHHHHHDTGQSQTQR(MSE)YNYLKAKYTATSGTQLAWGAYLDPVDGNPSSVYAEFDERAHNVDPSTEPIKSTH
TFKDGSVAEIE(MSE)NGQLVDGLTGPENYNITIKSKSKLAGSNDYYEHIVTFNFDTKGIRSEEGHLRSAQK
;
_entity_poly.pdbx_strand_id   B,C,D,A
#
# COMPACT_ATOMS: atom_id res chain seq x y z
N GLN A 12 -9.84 -19.50 16.16
CA GLN A 12 -9.41 -19.76 17.53
C GLN A 12 -7.90 -19.93 17.63
N SER A 13 -7.39 -21.04 17.09
CA SER A 13 -5.95 -21.20 16.93
C SER A 13 -5.42 -20.20 15.92
N GLN A 14 -4.11 -19.97 15.94
CA GLN A 14 -3.51 -19.15 14.90
C GLN A 14 -3.55 -19.85 13.56
N THR A 15 -3.50 -21.18 13.55
CA THR A 15 -3.70 -21.92 12.31
C THR A 15 -5.08 -21.63 11.73
N GLN A 16 -6.12 -21.67 12.57
CA GLN A 16 -7.46 -21.39 12.09
C GLN A 16 -7.62 -19.93 11.72
N ARG A 17 -6.98 -19.03 12.48
CA ARG A 17 -7.03 -17.61 12.13
C ARG A 17 -6.52 -17.36 10.71
N TYR A 19 -6.54 -19.50 8.13
CA TYR A 19 -7.56 -19.98 7.21
C TYR A 19 -8.75 -19.04 7.18
N ASN A 20 -9.10 -18.45 8.33
CA ASN A 20 -10.21 -17.51 8.38
C ASN A 20 -9.90 -16.23 7.60
N TYR A 21 -8.68 -15.71 7.76
CA TYR A 21 -8.25 -14.56 6.96
C TYR A 21 -8.36 -14.85 5.46
N LEU A 22 -7.88 -16.02 5.02
CA LEU A 22 -7.94 -16.36 3.61
C LEU A 22 -9.37 -16.48 3.11
N LYS A 23 -10.25 -17.10 3.92
CA LYS A 23 -11.63 -17.26 3.50
C LYS A 23 -12.33 -15.90 3.39
N ALA A 24 -12.02 -15.00 4.32
CA ALA A 24 -12.59 -13.66 4.27
C ALA A 24 -12.09 -12.89 3.05
N LYS A 25 -10.80 -13.02 2.71
CA LYS A 25 -10.29 -12.40 1.50
C LYS A 25 -11.00 -12.94 0.28
N TYR A 26 -11.24 -14.26 0.26
CA TYR A 26 -11.94 -14.87 -0.86
C TYR A 26 -13.38 -14.38 -0.95
N THR A 27 -14.07 -14.30 0.19
CA THR A 27 -15.47 -13.89 0.17
C THR A 27 -15.60 -12.43 -0.22
N ALA A 28 -14.73 -11.57 0.33
CA ALA A 28 -14.73 -10.17 -0.06
C ALA A 28 -14.56 -10.03 -1.57
N THR A 29 -13.62 -10.78 -2.14
CA THR A 29 -13.40 -10.72 -3.59
C THR A 29 -14.64 -11.20 -4.34
N SER A 30 -15.27 -12.27 -3.84
CA SER A 30 -16.51 -12.74 -4.45
C SER A 30 -17.59 -11.67 -4.41
N GLY A 31 -17.63 -10.88 -3.34
CA GLY A 31 -18.57 -9.77 -3.29
C GLY A 31 -18.30 -8.74 -4.37
N THR A 32 -17.03 -8.45 -4.63
CA THR A 32 -16.73 -7.51 -5.69
C THR A 32 -17.19 -8.05 -7.04
N GLN A 33 -17.00 -9.34 -7.28
CA GLN A 33 -17.47 -9.91 -8.53
C GLN A 33 -18.98 -9.82 -8.63
N LEU A 34 -19.68 -10.12 -7.54
CA LEU A 34 -21.14 -10.02 -7.56
C LEU A 34 -21.57 -8.60 -7.91
N ALA A 35 -20.93 -7.60 -7.30
CA ALA A 35 -21.27 -6.21 -7.56
C ALA A 35 -21.02 -5.85 -9.03
N TRP A 36 -19.88 -6.27 -9.58
CA TRP A 36 -19.57 -6.04 -10.98
C TRP A 36 -20.66 -6.61 -11.88
N GLY A 37 -21.09 -7.84 -11.60
CA GLY A 37 -22.17 -8.43 -12.36
C GLY A 37 -23.48 -7.68 -12.20
N ALA A 38 -23.81 -7.29 -10.97
CA ALA A 38 -25.05 -6.53 -10.75
C ALA A 38 -25.03 -5.23 -11.52
N TYR A 39 -23.86 -4.58 -11.57
CA TYR A 39 -23.71 -3.34 -12.33
C TYR A 39 -23.92 -3.58 -13.82
N LEU A 40 -23.31 -4.62 -14.37
CA LEU A 40 -23.24 -4.80 -15.82
C LEU A 40 -24.41 -5.58 -16.40
N ASP A 41 -24.93 -6.55 -15.66
CA ASP A 41 -25.83 -7.52 -16.28
C ASP A 41 -27.23 -6.93 -16.43
N PRO A 42 -27.86 -7.06 -17.59
CA PRO A 42 -29.23 -6.57 -17.74
C PRO A 42 -30.21 -7.39 -16.92
N VAL A 43 -31.32 -6.76 -16.58
CA VAL A 43 -32.43 -7.42 -15.91
C VAL A 43 -33.67 -7.19 -16.77
N ASP A 44 -34.27 -8.28 -17.24
CA ASP A 44 -35.42 -8.20 -18.15
C ASP A 44 -35.12 -7.30 -19.34
N GLY A 45 -33.92 -7.43 -19.89
CA GLY A 45 -33.54 -6.74 -21.09
C GLY A 45 -33.11 -5.30 -20.94
N ASN A 46 -33.13 -4.75 -19.73
CA ASN A 46 -32.77 -3.35 -19.53
C ASN A 46 -31.74 -3.24 -18.42
N PRO A 47 -31.02 -2.11 -18.36
CA PRO A 47 -29.98 -1.95 -17.33
C PRO A 47 -30.51 -2.20 -15.92
N SER A 48 -29.61 -2.62 -15.04
CA SER A 48 -29.95 -2.81 -13.64
C SER A 48 -30.34 -1.47 -13.03
N SER A 49 -31.06 -1.54 -11.91
CA SER A 49 -31.33 -0.31 -11.18
C SER A 49 -30.04 0.35 -10.72
N VAL A 50 -29.02 -0.46 -10.39
CA VAL A 50 -27.74 0.12 -9.96
C VAL A 50 -27.06 0.81 -11.12
N TYR A 51 -27.03 0.19 -12.31
CA TYR A 51 -26.43 0.86 -13.46
C TYR A 51 -27.19 2.13 -13.80
N ALA A 52 -28.52 2.05 -13.81
CA ALA A 52 -29.33 3.22 -14.12
C ALA A 52 -29.01 4.37 -13.17
N GLU A 53 -28.82 4.07 -11.89
CA GLU A 53 -28.52 5.13 -10.93
C GLU A 53 -27.17 5.78 -11.26
N PHE A 54 -26.15 4.98 -11.56
CA PHE A 54 -24.85 5.55 -11.81
C PHE A 54 -24.80 6.25 -13.16
N ASP A 55 -25.58 5.76 -14.12
CA ASP A 55 -25.69 6.43 -15.42
C ASP A 55 -26.25 7.84 -15.24
N GLU A 56 -27.29 7.98 -14.40
CA GLU A 56 -27.82 9.31 -14.11
C GLU A 56 -26.78 10.16 -13.40
N ARG A 57 -26.11 9.60 -12.40
CA ARG A 57 -25.10 10.36 -11.66
C ARG A 57 -23.98 10.82 -12.59
N ALA A 58 -23.48 9.90 -13.42
CA ALA A 58 -22.32 10.22 -14.27
C ALA A 58 -22.60 11.39 -15.20
N HIS A 59 -23.86 11.59 -15.57
CA HIS A 59 -24.23 12.65 -16.50
C HIS A 59 -24.84 13.86 -15.80
N ASN A 60 -24.62 13.98 -14.50
CA ASN A 60 -25.12 15.09 -13.70
C ASN A 60 -23.94 15.91 -13.21
N VAL A 61 -24.06 17.24 -13.26
CA VAL A 61 -22.94 18.10 -12.86
C VAL A 61 -22.77 18.19 -11.36
N ASP A 62 -23.77 17.76 -10.59
CA ASP A 62 -23.69 17.74 -9.13
C ASP A 62 -24.38 16.48 -8.66
N PRO A 63 -23.77 15.31 -8.90
CA PRO A 63 -24.47 14.05 -8.69
C PRO A 63 -24.65 13.73 -7.23
N SER A 64 -25.67 12.93 -6.95
CA SER A 64 -25.78 12.28 -5.65
C SER A 64 -24.49 11.53 -5.34
N THR A 65 -24.07 11.59 -4.08
CA THR A 65 -22.98 10.77 -3.57
C THR A 65 -23.46 9.88 -2.44
N GLU A 66 -24.70 9.42 -2.55
CA GLU A 66 -25.26 8.49 -1.56
C GLU A 66 -24.80 7.07 -1.89
N PRO A 67 -24.16 6.38 -0.94
CA PRO A 67 -23.75 5.00 -1.23
C PRO A 67 -24.94 4.11 -1.50
N ILE A 68 -24.72 3.13 -2.38
CA ILE A 68 -25.67 2.06 -2.66
C ILE A 68 -25.16 0.82 -1.95
N LYS A 69 -25.95 0.31 -1.01
CA LYS A 69 -25.49 -0.72 -0.09
C LYS A 69 -26.27 -2.01 -0.28
N SER A 70 -25.57 -3.14 -0.16
CA SER A 70 -26.22 -4.44 -0.23
C SER A 70 -25.39 -5.42 0.59
N THR A 71 -26.00 -6.55 0.93
CA THR A 71 -25.34 -7.63 1.65
C THR A 71 -25.70 -8.93 0.96
N HIS A 72 -24.75 -9.86 0.86
CA HIS A 72 -25.04 -11.10 0.15
C HIS A 72 -24.50 -12.27 0.94
N THR A 73 -25.30 -13.34 1.03
CA THR A 73 -24.87 -14.60 1.62
C THR A 73 -24.64 -15.59 0.50
N PHE A 74 -23.42 -16.13 0.41
CA PHE A 74 -23.09 -17.11 -0.60
C PHE A 74 -23.53 -18.51 -0.16
N LYS A 75 -23.44 -19.48 -1.08
CA LYS A 75 -23.84 -20.86 -0.81
C LYS A 75 -23.21 -21.40 0.47
N ASP A 76 -21.91 -21.17 0.65
CA ASP A 76 -21.22 -21.70 1.83
C ASP A 76 -21.54 -20.94 3.11
N GLY A 77 -22.44 -19.96 3.07
CA GLY A 77 -22.80 -19.24 4.26
C GLY A 77 -21.92 -18.07 4.59
N SER A 78 -20.88 -17.79 3.81
CA SER A 78 -20.11 -16.59 4.06
C SER A 78 -20.83 -15.37 3.51
N VAL A 79 -20.55 -14.22 4.10
CA VAL A 79 -21.32 -13.01 3.86
C VAL A 79 -20.38 -11.90 3.41
N ALA A 80 -20.76 -11.21 2.35
CA ALA A 80 -20.08 -10.00 1.92
C ALA A 80 -21.02 -8.80 2.07
N GLU A 81 -20.50 -7.73 2.67
CA GLU A 81 -21.21 -6.46 2.79
C GLU A 81 -20.62 -5.51 1.77
N ILE A 82 -21.46 -5.02 0.86
CA ILE A 82 -21.01 -4.37 -0.36
C ILE A 82 -21.56 -2.95 -0.43
N GLU A 83 -20.72 -2.02 -0.88
CA GLU A 83 -21.14 -0.65 -1.09
C GLU A 83 -20.59 -0.17 -2.43
N ASN A 85 -20.31 3.54 -4.77
CA ASN A 85 -20.50 4.98 -4.79
C ASN A 85 -19.62 5.54 -5.90
N GLY A 86 -19.85 6.81 -6.23
CA GLY A 86 -19.09 7.46 -7.29
C GLY A 86 -18.79 8.86 -6.93
N GLN A 87 -17.75 9.42 -7.57
CA GLN A 87 -17.48 10.84 -7.45
C GLN A 87 -16.80 11.32 -8.72
N LEU A 88 -17.01 12.60 -9.02
CA LEU A 88 -16.32 13.23 -10.12
C LEU A 88 -14.91 13.59 -9.72
N VAL A 89 -13.97 13.48 -10.68
CA VAL A 89 -12.64 14.01 -10.47
C VAL A 89 -12.76 15.47 -10.08
N ASP A 90 -11.95 15.89 -9.11
CA ASP A 90 -12.20 17.16 -8.45
C ASP A 90 -12.13 18.31 -9.45
N GLY A 91 -13.21 19.10 -9.49
CA GLY A 91 -13.29 20.24 -10.36
C GLY A 91 -13.81 19.96 -11.76
N LEU A 92 -14.08 18.70 -12.09
CA LEU A 92 -14.53 18.34 -13.43
C LEU A 92 -15.94 17.76 -13.39
N THR A 93 -16.56 17.69 -14.56
CA THR A 93 -17.85 17.04 -14.74
C THR A 93 -17.78 16.21 -16.01
N GLY A 94 -18.85 15.44 -16.24
CA GLY A 94 -18.92 14.57 -17.39
C GLY A 94 -18.66 13.13 -17.02
N PRO A 95 -19.24 12.20 -17.79
CA PRO A 95 -19.06 10.77 -17.47
C PRO A 95 -17.62 10.30 -17.54
N GLU A 96 -16.80 10.88 -18.43
CA GLU A 96 -15.42 10.46 -18.52
C GLU A 96 -14.62 10.84 -17.27
N ASN A 97 -15.16 11.73 -16.44
CA ASN A 97 -14.51 12.14 -15.20
C ASN A 97 -15.23 11.58 -13.96
N TYR A 98 -16.03 10.54 -14.14
CA TYR A 98 -16.81 9.96 -13.06
C TYR A 98 -16.26 8.58 -12.75
N ASN A 99 -15.83 8.37 -11.52
CA ASN A 99 -15.21 7.12 -11.12
C ASN A 99 -16.01 6.47 -10.02
N ILE A 100 -16.24 5.17 -10.15
CA ILE A 100 -17.10 4.42 -9.26
C ILE A 100 -16.26 3.46 -8.43
N THR A 101 -16.54 3.40 -7.13
CA THR A 101 -15.78 2.57 -6.20
C THR A 101 -16.69 1.49 -5.64
N ILE A 102 -16.24 0.24 -5.74
CA ILE A 102 -16.88 -0.89 -5.08
C ILE A 102 -16.08 -1.18 -3.83
N LYS A 103 -16.76 -1.28 -2.68
CA LYS A 103 -16.15 -1.77 -1.46
C LYS A 103 -16.89 -3.03 -1.04
N SER A 104 -16.13 -4.10 -0.78
CA SER A 104 -16.71 -5.37 -0.37
C SER A 104 -15.97 -5.86 0.87
N LYS A 105 -16.71 -6.07 1.96
CA LYS A 105 -16.15 -6.46 3.25
C LYS A 105 -16.68 -7.82 3.67
N SER A 106 -15.81 -8.60 4.31
CA SER A 106 -16.28 -9.86 4.88
C SER A 106 -15.53 -10.11 6.18
N LYS A 107 -16.29 -10.39 7.24
CA LYS A 107 -15.70 -10.60 8.56
C LYS A 107 -15.01 -11.94 8.63
N LEU A 108 -13.92 -12.00 9.38
CA LEU A 108 -13.25 -13.26 9.64
C LEU A 108 -14.05 -14.06 10.66
N ALA A 109 -14.15 -15.37 10.44
CA ALA A 109 -14.97 -16.19 11.32
C ALA A 109 -14.50 -16.07 12.77
N GLY A 110 -15.45 -16.00 13.70
CA GLY A 110 -15.12 -15.84 15.09
C GLY A 110 -14.51 -14.51 15.47
N SER A 111 -14.63 -13.49 14.61
CA SER A 111 -14.00 -12.22 14.86
C SER A 111 -14.87 -11.12 14.25
N ASN A 112 -14.67 -9.90 14.72
CA ASN A 112 -15.23 -8.76 14.02
C ASN A 112 -14.21 -8.05 13.15
N ASP A 113 -12.95 -8.47 13.18
CA ASP A 113 -12.02 -8.04 12.14
C ASP A 113 -12.54 -8.50 10.78
N TYR A 114 -12.13 -7.79 9.73
CA TYR A 114 -12.69 -8.08 8.41
C TYR A 114 -11.65 -7.80 7.35
N TYR A 115 -11.85 -8.43 6.19
CA TYR A 115 -11.11 -8.11 4.99
C TYR A 115 -11.94 -7.18 4.13
N GLU A 116 -11.32 -6.12 3.63
CA GLU A 116 -12.03 -5.14 2.81
C GLU A 116 -11.33 -5.01 1.47
N HIS A 117 -12.08 -5.23 0.40
CA HIS A 117 -11.62 -5.11 -0.97
C HIS A 117 -12.20 -3.82 -1.55
N ILE A 118 -11.36 -2.99 -2.14
CA ILE A 118 -11.80 -1.69 -2.67
C ILE A 118 -11.27 -1.54 -4.09
N VAL A 119 -12.18 -1.44 -5.06
CA VAL A 119 -11.80 -1.32 -6.46
C VAL A 119 -12.52 -0.12 -7.07
N THR A 120 -11.77 0.73 -7.77
CA THR A 120 -12.31 1.93 -8.39
C THR A 120 -12.14 1.80 -9.89
N PHE A 121 -13.21 2.04 -10.64
CA PHE A 121 -13.18 1.98 -12.09
C PHE A 121 -13.84 3.22 -12.69
N ASN A 122 -13.42 3.58 -13.90
CA ASN A 122 -13.98 4.73 -14.59
C ASN A 122 -15.30 4.37 -15.26
N PHE A 123 -16.30 5.26 -15.11
CA PHE A 123 -17.61 4.99 -15.69
C PHE A 123 -17.53 4.85 -17.21
N ASP A 124 -16.78 5.74 -17.86
CA ASP A 124 -16.79 5.79 -19.32
C ASP A 124 -16.05 4.60 -19.92
N THR A 125 -14.87 4.27 -19.40
CA THR A 125 -14.04 3.22 -19.99
C THR A 125 -14.21 1.86 -19.32
N LYS A 126 -14.74 1.82 -18.10
CA LYS A 126 -14.78 0.63 -17.25
C LYS A 126 -13.39 0.14 -16.88
N GLY A 127 -12.37 0.97 -17.06
CA GLY A 127 -11.02 0.56 -16.70
C GLY A 127 -10.77 0.70 -15.20
N ILE A 128 -9.96 -0.22 -14.67
CA ILE A 128 -9.59 -0.15 -13.26
C ILE A 128 -8.63 1.01 -13.04
N ARG A 129 -8.98 1.90 -12.12
CA ARG A 129 -8.14 3.01 -11.73
C ARG A 129 -7.29 2.72 -10.51
N SER A 130 -7.80 1.90 -9.61
CA SER A 130 -7.07 1.55 -8.39
C SER A 130 -7.71 0.30 -7.82
N GLU A 131 -6.91 -0.46 -7.07
CA GLU A 131 -7.44 -1.61 -6.36
C GLU A 131 -6.61 -1.81 -5.11
N GLU A 132 -7.28 -2.18 -4.02
CA GLU A 132 -6.57 -2.48 -2.79
C GLU A 132 -7.39 -3.47 -1.99
N GLY A 133 -6.72 -4.14 -1.07
CA GLY A 133 -7.38 -5.06 -0.18
C GLY A 133 -6.60 -5.19 1.11
N HIS A 134 -7.28 -5.18 2.25
CA HIS A 134 -6.60 -5.16 3.54
C HIS A 134 -7.39 -5.92 4.59
N LEU A 135 -6.67 -6.64 5.43
CA LEU A 135 -7.20 -7.04 6.73
C LEU A 135 -7.36 -5.79 7.59
N ARG A 136 -8.52 -5.66 8.24
CA ARG A 136 -8.83 -4.51 9.08
C ARG A 136 -9.25 -4.98 10.46
N SER A 137 -8.88 -4.20 11.47
CA SER A 137 -9.37 -4.48 12.81
C SER A 137 -10.83 -4.10 12.90
N ALA A 138 -11.52 -4.73 13.85
CA ALA A 138 -12.96 -4.51 14.04
C ALA A 138 -13.30 -3.04 14.19
N GLN A 139 -14.42 -2.65 13.59
CA GLN A 139 -14.93 -1.29 13.70
C GLN A 139 -15.36 -0.98 15.12
N GLY B 11 -7.98 -11.29 -21.35
CA GLY B 11 -9.18 -10.63 -21.83
C GLY B 11 -8.93 -9.17 -22.16
N GLN B 12 -9.39 -8.75 -23.34
CA GLN B 12 -9.07 -7.43 -23.87
C GLN B 12 -10.16 -6.40 -23.67
N SER B 13 -11.44 -6.79 -23.59
CA SER B 13 -12.43 -5.82 -23.16
C SER B 13 -12.18 -5.48 -21.69
N GLN B 14 -12.52 -4.25 -21.31
CA GLN B 14 -12.32 -3.85 -19.92
C GLN B 14 -13.24 -4.61 -18.97
N THR B 15 -14.44 -5.03 -19.42
CA THR B 15 -15.28 -5.85 -18.55
C THR B 15 -14.60 -7.18 -18.25
N GLN B 16 -14.04 -7.82 -19.29
CA GLN B 16 -13.35 -9.09 -19.09
C GLN B 16 -12.08 -8.90 -18.25
N ARG B 17 -11.37 -7.79 -18.46
CA ARG B 17 -10.17 -7.52 -17.68
C ARG B 17 -10.48 -7.47 -16.19
N TYR B 19 -12.99 -9.01 -14.66
CA TYR B 19 -13.23 -10.40 -14.26
C TYR B 19 -11.91 -11.17 -14.15
N ASN B 20 -10.98 -10.92 -15.06
CA ASN B 20 -9.71 -11.63 -15.02
C ASN B 20 -8.88 -11.23 -13.80
N TYR B 21 -8.94 -9.95 -13.42
CA TYR B 21 -8.26 -9.52 -12.20
C TYR B 21 -8.83 -10.24 -10.99
N LEU B 22 -10.16 -10.31 -10.90
CA LEU B 22 -10.78 -10.99 -9.77
C LEU B 22 -10.41 -12.46 -9.75
N LYS B 23 -10.37 -13.11 -10.92
CA LYS B 23 -10.02 -14.53 -10.97
C LYS B 23 -8.57 -14.75 -10.56
N ALA B 24 -7.67 -13.88 -10.99
CA ALA B 24 -6.28 -14.00 -10.57
C ALA B 24 -6.13 -13.77 -9.08
N LYS B 25 -6.93 -12.87 -8.51
CA LYS B 25 -6.93 -12.69 -7.07
C LYS B 25 -7.43 -13.94 -6.35
N TYR B 26 -8.51 -14.56 -6.87
CA TYR B 26 -8.97 -15.82 -6.29
C TYR B 26 -7.87 -16.86 -6.32
N THR B 27 -7.22 -17.03 -7.48
CA THR B 27 -6.25 -18.11 -7.62
C THR B 27 -5.05 -17.86 -6.73
N ALA B 28 -4.56 -16.62 -6.67
CA ALA B 28 -3.45 -16.32 -5.78
C ALA B 28 -3.80 -16.61 -4.33
N THR B 29 -5.01 -16.22 -3.90
CA THR B 29 -5.44 -16.49 -2.54
C THR B 29 -5.51 -17.98 -2.25
N SER B 30 -6.08 -18.75 -3.19
CA SER B 30 -6.13 -20.19 -3.02
C SER B 30 -4.73 -20.79 -2.99
N GLY B 31 -3.81 -20.19 -3.76
CA GLY B 31 -2.42 -20.63 -3.69
C GLY B 31 -1.83 -20.46 -2.31
N THR B 32 -2.09 -19.32 -1.67
CA THR B 32 -1.61 -19.12 -0.31
C THR B 32 -2.21 -20.16 0.63
N GLN B 33 -3.49 -20.46 0.47
CA GLN B 33 -4.15 -21.44 1.33
C GLN B 33 -3.50 -22.81 1.19
N LEU B 34 -3.24 -23.23 -0.05
CA LEU B 34 -2.63 -24.54 -0.26
C LEU B 34 -1.19 -24.57 0.25
N ALA B 35 -0.46 -23.46 0.11
CA ALA B 35 0.89 -23.39 0.65
C ALA B 35 0.89 -23.50 2.17
N TRP B 36 -0.06 -22.83 2.82
CA TRP B 36 -0.23 -22.96 4.27
C TRP B 36 -0.46 -24.40 4.66
N GLY B 37 -1.39 -25.07 3.99
CA GLY B 37 -1.62 -26.48 4.28
C GLY B 37 -0.39 -27.33 4.02
N ALA B 38 0.34 -27.04 2.94
CA ALA B 38 1.56 -27.79 2.65
C ALA B 38 2.60 -27.60 3.76
N TYR B 39 2.69 -26.38 4.30
CA TYR B 39 3.61 -26.11 5.40
C TYR B 39 3.22 -26.89 6.65
N LEU B 40 1.93 -26.90 6.98
CA LEU B 40 1.44 -27.42 8.25
C LEU B 40 1.20 -28.92 8.23
N ASP B 41 0.74 -29.45 7.12
CA ASP B 41 0.16 -30.78 7.17
C ASP B 41 1.24 -31.86 7.19
N PRO B 42 1.08 -32.88 8.03
CA PRO B 42 2.05 -33.97 8.06
C PRO B 42 2.02 -34.77 6.77
N VAL B 43 3.15 -35.38 6.47
CA VAL B 43 3.26 -36.36 5.39
C VAL B 43 3.83 -37.63 6.02
N ASP B 44 2.98 -38.64 6.18
CA ASP B 44 3.37 -39.92 6.78
C ASP B 44 3.85 -39.72 8.22
N GLY B 45 3.01 -39.08 9.03
CA GLY B 45 3.28 -38.90 10.44
C GLY B 45 4.49 -38.05 10.75
N ASN B 46 5.08 -37.44 9.72
CA ASN B 46 6.28 -36.63 9.90
C ASN B 46 6.11 -35.29 9.25
N PRO B 47 6.71 -34.23 9.81
CA PRO B 47 6.57 -32.89 9.26
C PRO B 47 6.84 -32.86 7.76
N SER B 48 6.15 -31.96 7.06
CA SER B 48 6.42 -31.78 5.65
C SER B 48 7.87 -31.34 5.44
N SER B 49 8.36 -31.57 4.23
CA SER B 49 9.75 -31.24 3.93
C SER B 49 9.99 -29.73 4.01
N VAL B 50 9.00 -28.93 3.61
CA VAL B 50 9.15 -27.48 3.70
C VAL B 50 9.14 -27.03 5.15
N TYR B 51 8.34 -27.68 6.00
CA TYR B 51 8.38 -27.34 7.42
C TYR B 51 9.75 -27.66 8.01
N ALA B 52 10.28 -28.85 7.72
CA ALA B 52 11.57 -29.24 8.29
C ALA B 52 12.67 -28.27 7.86
N GLU B 53 12.58 -27.73 6.64
CA GLU B 53 13.58 -26.78 6.19
C GLU B 53 13.51 -25.47 6.97
N PHE B 54 12.30 -24.97 7.22
CA PHE B 54 12.20 -23.73 7.97
C PHE B 54 12.50 -23.96 9.44
N ASP B 55 12.18 -25.14 9.97
CA ASP B 55 12.55 -25.46 11.34
C ASP B 55 14.07 -25.43 11.49
N GLU B 56 14.80 -26.00 10.53
CA GLU B 56 16.25 -25.91 10.55
C GLU B 56 16.72 -24.46 10.49
N ARG B 57 16.17 -23.69 9.53
CA ARG B 57 16.58 -22.29 9.39
C ARG B 57 16.28 -21.50 10.65
N ALA B 58 15.10 -21.69 11.23
CA ALA B 58 14.68 -20.91 12.39
C ALA B 58 15.61 -21.10 13.57
N HIS B 59 16.36 -22.20 13.59
CA HIS B 59 17.27 -22.51 14.68
C HIS B 59 18.74 -22.35 14.29
N ASN B 60 19.03 -21.50 13.29
CA ASN B 60 20.40 -21.23 12.86
C ASN B 60 20.69 -19.74 13.00
N VAL B 61 21.94 -19.41 13.36
CA VAL B 61 22.28 -18.01 13.56
C VAL B 61 22.41 -17.28 12.22
N ASP B 62 22.79 -17.98 11.15
CA ASP B 62 22.89 -17.41 9.81
C ASP B 62 22.12 -18.30 8.85
N PRO B 63 20.79 -18.24 8.88
CA PRO B 63 19.99 -19.19 8.10
C PRO B 63 20.07 -18.90 6.61
N SER B 64 19.86 -19.96 5.83
CA SER B 64 19.73 -19.81 4.39
C SER B 64 18.57 -18.88 4.07
N THR B 65 18.76 -18.02 3.09
CA THR B 65 17.66 -17.18 2.61
C THR B 65 17.30 -17.56 1.19
N GLU B 66 17.39 -18.87 0.90
CA GLU B 66 17.07 -19.31 -0.45
C GLU B 66 15.59 -19.57 -0.59
N PRO B 67 14.94 -18.99 -1.59
CA PRO B 67 13.50 -19.21 -1.78
C PRO B 67 13.18 -20.67 -2.07
N ILE B 68 12.05 -21.12 -1.55
CA ILE B 68 11.51 -22.44 -1.79
C ILE B 68 10.29 -22.29 -2.69
N LYS B 69 10.37 -22.87 -3.89
CA LYS B 69 9.39 -22.63 -4.96
C LYS B 69 8.46 -23.81 -5.13
N SER B 70 7.21 -23.53 -5.49
CA SER B 70 6.22 -24.55 -5.78
C SER B 70 5.14 -23.93 -6.66
N THR B 71 4.29 -24.78 -7.24
CA THR B 71 3.13 -24.31 -7.99
C THR B 71 1.91 -25.15 -7.64
N HIS B 72 0.74 -24.56 -7.88
CA HIS B 72 -0.54 -25.22 -7.71
C HIS B 72 -1.36 -24.92 -8.96
N THR B 73 -1.87 -25.97 -9.61
CA THR B 73 -2.72 -25.83 -10.78
C THR B 73 -4.14 -26.24 -10.40
N PHE B 74 -5.12 -25.42 -10.75
CA PHE B 74 -6.48 -25.60 -10.29
C PHE B 74 -7.35 -26.16 -11.41
N LYS B 75 -8.55 -26.60 -11.04
CA LYS B 75 -9.41 -27.29 -12.01
C LYS B 75 -9.76 -26.39 -13.18
N ASP B 76 -9.96 -25.09 -12.94
CA ASP B 76 -10.24 -24.19 -14.05
C ASP B 76 -9.03 -23.92 -14.92
N GLY B 77 -7.89 -24.55 -14.64
CA GLY B 77 -6.70 -24.37 -15.43
C GLY B 77 -5.77 -23.27 -14.98
N SER B 78 -6.15 -22.50 -13.96
CA SER B 78 -5.29 -21.42 -13.51
C SER B 78 -4.17 -21.96 -12.63
N VAL B 79 -3.09 -21.18 -12.53
CA VAL B 79 -1.85 -21.59 -11.89
C VAL B 79 -1.47 -20.53 -10.86
N ALA B 80 -1.15 -20.99 -9.65
CA ALA B 80 -0.52 -20.14 -8.64
C ALA B 80 0.95 -20.54 -8.50
N GLU B 81 1.85 -19.58 -8.66
CA GLU B 81 3.27 -19.79 -8.39
C GLU B 81 3.59 -19.34 -6.98
N ILE B 82 4.14 -20.25 -6.17
CA ILE B 82 4.40 -20.02 -4.75
C ILE B 82 5.90 -19.89 -4.51
N GLU B 83 6.27 -18.94 -3.67
CA GLU B 83 7.62 -18.82 -3.16
C GLU B 83 7.53 -18.65 -1.65
N ASN B 85 9.97 -18.15 1.93
CA ASN B 85 11.30 -17.81 2.41
C ASN B 85 11.15 -17.31 3.83
N GLY B 86 12.30 -17.08 4.49
CA GLY B 86 12.27 -16.66 5.88
C GLY B 86 13.43 -15.74 6.17
N GLN B 87 13.29 -14.98 7.26
CA GLN B 87 14.39 -14.15 7.70
C GLN B 87 14.21 -13.82 9.16
N LEU B 88 15.34 -13.61 9.84
CA LEU B 88 15.30 -13.19 11.23
C LEU B 88 15.03 -11.70 11.32
N VAL B 89 14.28 -11.31 12.35
CA VAL B 89 14.13 -9.89 12.64
C VAL B 89 15.50 -9.27 12.80
N ASP B 90 15.72 -8.14 12.15
CA ASP B 90 17.00 -7.45 12.20
C ASP B 90 17.40 -7.20 13.66
N GLY B 91 18.64 -7.55 13.99
CA GLY B 91 19.14 -7.39 15.33
C GLY B 91 18.72 -8.45 16.32
N LEU B 92 17.99 -9.47 15.89
CA LEU B 92 17.47 -10.51 16.78
C LEU B 92 17.82 -11.87 16.21
N THR B 93 17.67 -12.90 17.05
CA THR B 93 18.02 -14.26 16.68
C THR B 93 17.07 -15.22 17.38
N GLY B 94 17.06 -16.47 16.92
CA GLY B 94 16.25 -17.51 17.52
C GLY B 94 14.92 -17.70 16.81
N PRO B 95 14.28 -18.85 17.03
CA PRO B 95 13.04 -19.16 16.30
C PRO B 95 11.90 -18.20 16.59
N GLU B 96 11.84 -17.62 17.79
CA GLU B 96 10.82 -16.64 18.11
C GLU B 96 10.91 -15.40 17.25
N ASN B 97 12.06 -15.15 16.65
CA ASN B 97 12.30 -13.97 15.84
C ASN B 97 12.46 -14.32 14.37
N TYR B 98 11.98 -15.49 13.97
CA TYR B 98 12.08 -15.97 12.60
C TYR B 98 10.71 -15.90 11.94
N ASN B 99 10.60 -15.07 10.91
CA ASN B 99 9.34 -14.84 10.20
C ASN B 99 9.42 -15.41 8.79
N ILE B 100 8.36 -16.11 8.38
CA ILE B 100 8.29 -16.79 7.10
C ILE B 100 7.27 -16.07 6.22
N THR B 101 7.62 -15.89 4.95
CA THR B 101 6.77 -15.18 4.00
C THR B 101 6.32 -16.16 2.92
N ILE B 102 5.02 -16.16 2.64
CA ILE B 102 4.45 -16.84 1.48
C ILE B 102 4.14 -15.79 0.43
N LYS B 103 4.68 -15.96 -0.77
CA LYS B 103 4.31 -15.17 -1.93
C LYS B 103 3.59 -16.06 -2.93
N SER B 104 2.40 -15.64 -3.36
CA SER B 104 1.58 -16.43 -4.28
C SER B 104 1.15 -15.54 -5.43
N LYS B 105 1.55 -15.89 -6.64
CA LYS B 105 1.31 -15.10 -7.85
C LYS B 105 0.40 -15.88 -8.79
N SER B 106 -0.49 -15.19 -9.48
CA SER B 106 -1.22 -15.82 -10.56
C SER B 106 -1.46 -14.80 -11.66
N LYS B 107 -1.18 -15.18 -12.90
CA LYS B 107 -1.32 -14.28 -14.03
C LYS B 107 -2.78 -14.04 -14.36
N LEU B 108 -3.09 -12.80 -14.74
CA LEU B 108 -4.40 -12.51 -15.29
C LEU B 108 -4.52 -13.15 -16.67
N ALA B 109 -5.69 -13.72 -16.97
CA ALA B 109 -5.90 -14.39 -18.24
C ALA B 109 -5.58 -13.47 -19.41
N GLY B 110 -4.87 -14.01 -20.40
CA GLY B 110 -4.54 -13.24 -21.59
C GLY B 110 -3.55 -12.12 -21.36
N SER B 111 -2.75 -12.20 -20.29
CA SER B 111 -1.87 -11.13 -19.89
C SER B 111 -0.72 -11.72 -19.09
N ASN B 112 0.40 -11.01 -19.04
CA ASN B 112 1.45 -11.38 -18.10
C ASN B 112 1.43 -10.53 -16.85
N ASP B 113 0.52 -9.56 -16.77
CA ASP B 113 0.21 -8.95 -15.48
C ASP B 113 -0.30 -10.02 -14.52
N TYR B 114 -0.12 -9.78 -13.23
CA TYR B 114 -0.44 -10.83 -12.26
C TYR B 114 -0.91 -10.23 -10.95
N TYR B 115 -1.63 -11.03 -10.18
CA TYR B 115 -1.95 -10.69 -8.80
C TYR B 115 -0.96 -11.40 -7.88
N GLU B 116 -0.38 -10.65 -6.95
CA GLU B 116 0.58 -11.20 -6.00
C GLU B 116 0.08 -11.01 -4.58
N HIS B 117 -0.04 -12.11 -3.86
CA HIS B 117 -0.43 -12.14 -2.46
C HIS B 117 0.82 -12.42 -1.62
N ILE B 118 1.08 -11.61 -0.60
CA ILE B 118 2.25 -11.79 0.25
C ILE B 118 1.83 -11.80 1.71
N VAL B 119 2.03 -12.92 2.38
CA VAL B 119 1.64 -13.07 3.78
C VAL B 119 2.86 -13.51 4.58
N THR B 120 3.13 -12.81 5.67
CA THR B 120 4.24 -13.12 6.55
C THR B 120 3.69 -13.58 7.90
N PHE B 121 4.18 -14.72 8.38
CA PHE B 121 3.78 -15.24 9.67
C PHE B 121 5.03 -15.59 10.49
N ASN B 122 4.84 -15.68 11.79
CA ASN B 122 5.93 -15.98 12.71
C ASN B 122 6.08 -17.48 12.88
N PHE B 123 7.33 -17.95 12.87
CA PHE B 123 7.56 -19.38 12.94
C PHE B 123 7.05 -19.96 14.26
N ASP B 124 7.26 -19.24 15.36
CA ASP B 124 6.92 -19.78 16.67
C ASP B 124 5.43 -19.73 16.95
N THR B 125 4.80 -18.57 16.73
CA THR B 125 3.39 -18.39 17.06
C THR B 125 2.44 -18.76 15.94
N LYS B 126 2.94 -18.84 14.70
CA LYS B 126 2.11 -18.97 13.50
C LYS B 126 1.16 -17.77 13.30
N GLY B 127 1.41 -16.68 14.01
CA GLY B 127 0.56 -15.50 13.87
C GLY B 127 0.93 -14.70 12.63
N ILE B 128 -0.09 -14.09 12.01
CA ILE B 128 0.15 -13.21 10.87
C ILE B 128 0.84 -11.94 11.34
N ARG B 129 1.97 -11.62 10.71
CA ARG B 129 2.72 -10.41 11.01
C ARG B 129 2.46 -9.30 10.01
N SER B 130 2.15 -9.64 8.77
CA SER B 130 1.83 -8.67 7.74
C SER B 130 1.15 -9.40 6.61
N GLU B 131 0.34 -8.66 5.84
CA GLU B 131 -0.31 -9.23 4.67
C GLU B 131 -0.53 -8.11 3.66
N GLU B 132 -0.29 -8.41 2.39
CA GLU B 132 -0.57 -7.46 1.33
C GLU B 132 -0.89 -8.23 0.06
N GLY B 133 -1.56 -7.54 -0.85
CA GLY B 133 -1.87 -8.12 -2.15
C GLY B 133 -2.02 -7.03 -3.18
N HIS B 134 -1.49 -7.24 -4.38
CA HIS B 134 -1.51 -6.20 -5.40
C HIS B 134 -1.61 -6.81 -6.79
N LEU B 135 -2.38 -6.15 -7.65
CA LEU B 135 -2.17 -6.26 -9.09
C LEU B 135 -0.79 -5.71 -9.44
N ARG B 136 -0.06 -6.43 -10.28
CA ARG B 136 1.28 -6.05 -10.70
C ARG B 136 1.40 -6.09 -12.22
N SER B 137 2.18 -5.17 -12.76
CA SER B 137 2.54 -5.22 -14.17
C SER B 137 3.51 -6.38 -14.42
N ALA B 138 3.52 -6.86 -15.66
CA ALA B 138 4.36 -7.99 -16.03
C ALA B 138 5.82 -7.71 -15.71
N GLN B 139 6.54 -8.75 -15.31
CA GLN B 139 7.97 -8.63 -14.99
C GLN B 139 8.78 -8.08 -16.15
N ASP C 2 43.99 25.49 -28.20
CA ASP C 2 44.96 26.04 -27.26
C ASP C 2 45.85 24.97 -26.65
N HIS C 3 45.33 24.25 -25.67
CA HIS C 3 46.13 23.30 -24.91
C HIS C 3 45.95 21.88 -25.47
N HIS C 4 47.07 21.24 -25.81
CA HIS C 4 47.07 19.91 -26.41
C HIS C 4 47.89 18.94 -25.58
N HIS C 5 47.44 17.69 -25.53
CA HIS C 5 48.16 16.62 -24.86
C HIS C 5 48.48 15.50 -25.85
N HIS C 6 49.70 14.98 -25.77
CA HIS C 6 50.16 13.86 -26.59
C HIS C 6 49.79 13.99 -28.07
N GLN C 12 42.29 7.53 -30.64
CA GLN C 12 41.94 8.95 -30.56
C GLN C 12 42.43 9.56 -29.25
N SER C 13 42.39 10.89 -29.18
CA SER C 13 42.85 11.59 -27.99
C SER C 13 41.86 11.38 -26.85
N GLN C 14 42.34 10.78 -25.75
CA GLN C 14 41.47 10.60 -24.60
C GLN C 14 41.09 11.93 -23.97
N THR C 15 41.98 12.93 -24.04
CA THR C 15 41.62 14.25 -23.51
C THR C 15 40.46 14.84 -24.29
N GLN C 16 40.43 14.65 -25.61
CA GLN C 16 39.31 15.19 -26.37
C GLN C 16 38.05 14.34 -26.17
N ARG C 17 38.20 13.02 -26.03
CA ARG C 17 37.02 12.20 -25.78
C ARG C 17 36.29 12.65 -24.52
N TYR C 19 36.25 15.67 -23.19
CA TYR C 19 35.53 16.89 -23.56
C TYR C 19 34.32 16.56 -24.42
N ASN C 20 34.46 15.64 -25.37
CA ASN C 20 33.35 15.26 -26.22
C ASN C 20 32.23 14.65 -25.40
N TYR C 21 32.58 13.82 -24.40
CA TYR C 21 31.58 13.20 -23.55
C TYR C 21 30.83 14.25 -22.73
N LEU C 22 31.54 15.22 -22.15
CA LEU C 22 30.88 16.23 -21.35
C LEU C 22 30.01 17.13 -22.21
N LYS C 23 30.44 17.41 -23.45
CA LYS C 23 29.62 18.18 -24.37
C LYS C 23 28.36 17.39 -24.77
N ALA C 24 28.46 16.07 -24.85
CA ALA C 24 27.31 15.28 -25.26
C ALA C 24 26.32 15.11 -24.12
N LYS C 25 26.81 14.73 -22.92
CA LYS C 25 25.97 14.86 -21.72
C LYS C 25 25.33 16.22 -21.69
N TYR C 26 25.99 17.16 -22.31
CA TYR C 26 25.49 18.50 -22.29
C TYR C 26 24.31 18.73 -23.25
N THR C 27 24.53 18.41 -24.51
CA THR C 27 23.47 18.55 -25.51
C THR C 27 22.23 17.74 -25.13
N ALA C 28 22.43 16.51 -24.64
CA ALA C 28 21.30 15.64 -24.31
C ALA C 28 20.44 16.26 -23.20
N THR C 29 21.08 16.74 -22.12
CA THR C 29 20.34 17.37 -21.04
C THR C 29 19.56 18.58 -21.56
N SER C 30 20.19 19.37 -22.43
CA SER C 30 19.49 20.47 -23.06
C SER C 30 18.35 19.97 -23.93
N GLY C 31 18.55 18.83 -24.60
CA GLY C 31 17.48 18.23 -25.38
C GLY C 31 16.29 17.85 -24.52
N THR C 32 16.54 17.38 -23.30
CA THR C 32 15.45 17.03 -22.40
C THR C 32 14.72 18.28 -21.93
N GLN C 33 15.46 19.37 -21.68
CA GLN C 33 14.79 20.62 -21.31
C GLN C 33 13.90 21.15 -22.43
N LEU C 34 14.30 20.94 -23.68
CA LEU C 34 13.46 21.36 -24.80
C LEU C 34 12.12 20.62 -24.78
N ALA C 35 12.18 19.29 -24.77
CA ALA C 35 10.97 18.49 -24.83
C ALA C 35 10.04 18.80 -23.66
N TRP C 36 10.61 19.01 -22.46
CA TRP C 36 9.80 19.37 -21.31
C TRP C 36 9.09 20.70 -21.53
N GLY C 37 9.83 21.71 -21.97
CA GLY C 37 9.20 22.98 -22.29
C GLY C 37 8.17 22.85 -23.38
N ALA C 38 8.51 22.17 -24.47
CA ALA C 38 7.57 21.95 -25.56
C ALA C 38 6.30 21.29 -25.05
N TYR C 39 6.45 20.17 -24.32
CA TYR C 39 5.31 19.48 -23.73
C TYR C 39 4.44 20.44 -22.92
N LEU C 40 5.06 21.23 -22.04
CA LEU C 40 4.29 22.09 -21.15
C LEU C 40 3.84 23.40 -21.81
N ASP C 41 4.44 23.80 -22.95
CA ASP C 41 4.21 25.19 -23.33
C ASP C 41 3.04 25.33 -24.28
N PRO C 42 2.14 26.30 -24.04
CA PRO C 42 1.01 26.51 -24.94
C PRO C 42 1.47 27.07 -26.28
N VAL C 43 0.91 26.51 -27.36
CA VAL C 43 1.08 27.03 -28.71
C VAL C 43 -0.27 27.53 -29.19
N ASP C 44 -0.31 28.79 -29.62
CA ASP C 44 -1.55 29.46 -30.03
C ASP C 44 -2.57 29.48 -28.90
N GLY C 45 -2.11 29.76 -27.69
CA GLY C 45 -2.97 29.94 -26.53
C GLY C 45 -3.60 28.68 -25.96
N ASN C 46 -3.53 27.55 -26.65
CA ASN C 46 -4.14 26.31 -26.22
C ASN C 46 -3.09 25.19 -26.26
N PRO C 47 -3.30 24.10 -25.48
CA PRO C 47 -2.15 23.22 -25.14
C PRO C 47 -1.36 22.71 -26.32
N SER C 48 -0.10 22.35 -26.06
CA SER C 48 0.83 21.93 -27.09
C SER C 48 0.24 20.82 -27.94
N SER C 49 0.68 20.75 -29.19
CA SER C 49 0.37 19.59 -30.03
C SER C 49 0.76 18.30 -29.33
N VAL C 50 1.83 18.33 -28.53
CA VAL C 50 2.36 17.12 -27.92
C VAL C 50 1.63 16.76 -26.64
N TYR C 51 1.37 17.76 -25.78
CA TYR C 51 0.62 17.50 -24.55
C TYR C 51 -0.76 16.93 -24.87
N ALA C 52 -1.41 17.46 -25.89
CA ALA C 52 -2.74 16.97 -26.25
C ALA C 52 -2.70 15.50 -26.65
N GLU C 53 -1.68 15.09 -27.41
CA GLU C 53 -1.57 13.69 -27.76
C GLU C 53 -1.40 12.81 -26.54
N PHE C 54 -0.55 13.25 -25.59
CA PHE C 54 -0.35 12.48 -24.36
C PHE C 54 -1.59 12.53 -23.46
N ASP C 55 -2.31 13.65 -23.46
CA ASP C 55 -3.55 13.72 -22.69
C ASP C 55 -4.57 12.70 -23.20
N GLU C 56 -4.70 12.59 -24.53
CA GLU C 56 -5.57 11.56 -25.09
C GLU C 56 -5.10 10.17 -24.68
N ARG C 57 -3.79 9.93 -24.77
CA ARG C 57 -3.25 8.63 -24.39
C ARG C 57 -3.48 8.33 -22.91
N ALA C 58 -3.24 9.32 -22.05
CA ALA C 58 -3.39 9.12 -20.61
C ALA C 58 -4.78 8.67 -20.23
N HIS C 59 -5.79 8.97 -21.04
CA HIS C 59 -7.18 8.64 -20.73
C HIS C 59 -7.72 7.48 -21.54
N ASN C 60 -6.88 6.83 -22.35
N ASN C 60 -6.89 6.82 -22.34
CA ASN C 60 -7.22 5.64 -23.10
CA ASN C 60 -7.29 5.64 -23.10
C ASN C 60 -6.84 4.41 -22.28
C ASN C 60 -6.80 4.38 -22.41
N VAL C 61 -7.63 3.34 -22.45
CA VAL C 61 -7.30 2.08 -21.76
C VAL C 61 -6.31 1.24 -22.53
N ASP C 62 -6.14 1.47 -23.83
CA ASP C 62 -5.08 0.84 -24.61
C ASP C 62 -4.50 1.89 -25.51
N PRO C 63 -3.70 2.81 -25.00
CA PRO C 63 -3.20 3.93 -25.77
C PRO C 63 -2.13 3.48 -26.77
N SER C 64 -1.98 4.27 -27.83
CA SER C 64 -0.89 4.01 -28.76
C SER C 64 0.45 4.11 -28.04
N THR C 65 1.37 3.24 -28.44
CA THR C 65 2.73 3.27 -27.92
C THR C 65 3.72 3.53 -29.05
N GLU C 66 3.37 4.45 -29.93
CA GLU C 66 4.30 4.85 -30.98
C GLU C 66 5.02 6.10 -30.56
N PRO C 67 6.35 6.11 -30.61
CA PRO C 67 7.10 7.25 -30.10
C PRO C 67 6.86 8.49 -30.93
N ILE C 68 6.97 9.64 -30.27
CA ILE C 68 6.98 10.93 -30.96
C ILE C 68 8.45 11.35 -31.02
N LYS C 69 9.11 11.03 -32.12
CA LYS C 69 10.50 11.42 -32.30
C LYS C 69 10.59 12.93 -32.51
N SER C 70 11.82 13.43 -32.67
CA SER C 70 12.12 14.82 -32.98
C SER C 70 13.63 15.05 -32.94
N THR C 71 14.10 16.16 -33.51
CA THR C 71 15.50 16.53 -33.45
C THR C 71 15.63 18.04 -33.30
N HIS C 72 16.60 18.46 -32.49
CA HIS C 72 16.90 19.88 -32.34
C HIS C 72 18.38 20.12 -32.56
N THR C 73 18.68 21.31 -33.08
CA THR C 73 20.05 21.76 -33.32
C THR C 73 20.27 23.05 -32.54
N PHE C 74 21.24 23.03 -31.63
CA PHE C 74 21.58 24.23 -30.89
C PHE C 74 22.48 25.11 -31.75
N LYS C 75 22.96 26.22 -31.17
CA LYS C 75 23.77 27.15 -31.95
C LYS C 75 25.07 26.51 -32.40
N ASP C 76 25.79 25.89 -31.46
CA ASP C 76 27.10 25.29 -31.72
C ASP C 76 27.04 24.10 -32.67
N GLY C 77 25.88 23.86 -33.29
CA GLY C 77 25.74 22.76 -34.22
C GLY C 77 25.54 21.41 -33.59
N SER C 78 25.53 21.31 -32.26
CA SER C 78 25.32 20.04 -31.59
C SER C 78 23.87 19.59 -31.74
N VAL C 79 23.69 18.28 -31.91
CA VAL C 79 22.40 17.68 -32.27
C VAL C 79 21.97 16.74 -31.17
N ALA C 80 20.72 16.87 -30.73
CA ALA C 80 20.11 15.95 -29.77
C ALA C 80 18.87 15.35 -30.40
N GLU C 81 18.88 14.02 -30.55
CA GLU C 81 17.71 13.29 -31.04
C GLU C 81 16.78 13.04 -29.86
N ILE C 82 15.52 13.47 -29.99
CA ILE C 82 14.60 13.47 -28.87
C ILE C 82 13.42 12.56 -29.18
N GLU C 83 12.92 11.91 -28.13
CA GLU C 83 11.91 10.87 -28.27
C GLU C 83 11.07 10.85 -27.01
N ASN C 85 7.53 8.92 -25.29
CA ASN C 85 6.55 7.86 -25.35
C ASN C 85 5.94 7.71 -23.96
N GLY C 86 4.99 6.80 -23.84
CA GLY C 86 4.37 6.60 -22.55
C GLY C 86 3.74 5.23 -22.47
N GLN C 87 3.35 4.87 -21.26
CA GLN C 87 2.70 3.59 -21.05
C GLN C 87 1.93 3.64 -19.75
N LEU C 88 0.87 2.83 -19.68
CA LEU C 88 0.18 2.62 -18.43
C LEU C 88 1.00 1.68 -17.55
N VAL C 89 1.08 1.98 -16.26
CA VAL C 89 1.92 1.22 -15.36
C VAL C 89 1.05 0.42 -14.39
N ASP C 90 1.63 -0.68 -13.88
CA ASP C 90 1.11 -1.47 -12.78
C ASP C 90 -0.21 -2.16 -13.11
N GLY C 91 -0.46 -2.42 -14.40
CA GLY C 91 -1.69 -3.07 -14.82
C GLY C 91 -2.93 -2.22 -14.70
N LEU C 92 -2.78 -0.94 -14.40
CA LEU C 92 -3.93 -0.07 -14.16
C LEU C 92 -4.19 0.80 -15.38
N THR C 93 -5.25 1.60 -15.29
CA THR C 93 -5.63 2.54 -16.33
C THR C 93 -5.82 3.92 -15.71
N GLY C 94 -5.91 4.93 -16.57
CA GLY C 94 -6.18 6.27 -16.12
C GLY C 94 -4.93 7.12 -16.03
N PRO C 95 -5.13 8.43 -16.00
CA PRO C 95 -3.99 9.37 -16.07
C PRO C 95 -3.04 9.25 -14.88
N GLU C 96 -3.54 8.91 -13.69
CA GLU C 96 -2.66 8.73 -12.54
C GLU C 96 -1.72 7.54 -12.72
N ASN C 97 -2.00 6.68 -13.69
CA ASN C 97 -1.25 5.46 -13.93
C ASN C 97 -0.58 5.49 -15.29
N TYR C 98 -0.28 6.69 -15.77
CA TYR C 98 0.30 6.88 -17.09
C TYR C 98 1.60 7.62 -16.93
N ASN C 99 2.71 6.96 -17.27
CA ASN C 99 4.04 7.53 -17.15
C ASN C 99 4.60 7.83 -18.53
N ILE C 100 5.22 9.00 -18.68
CA ILE C 100 5.77 9.45 -19.95
C ILE C 100 7.29 9.51 -19.81
N THR C 101 7.98 9.06 -20.85
CA THR C 101 9.44 8.97 -20.83
C THR C 101 10.03 9.80 -21.95
N ILE C 102 10.96 10.69 -21.60
CA ILE C 102 11.75 11.44 -22.56
C ILE C 102 13.10 10.77 -22.70
N LYS C 103 13.48 10.44 -23.94
CA LYS C 103 14.82 9.98 -24.26
C LYS C 103 15.51 11.02 -25.12
N SER C 104 16.70 11.45 -24.70
CA SER C 104 17.47 12.46 -25.41
C SER C 104 18.89 11.95 -25.61
N LYS C 105 19.24 11.65 -26.86
CA LYS C 105 20.57 11.19 -27.23
C LYS C 105 21.39 12.33 -27.82
N SER C 106 22.70 12.27 -27.64
CA SER C 106 23.59 13.19 -28.33
C SER C 106 24.91 12.49 -28.59
N LYS C 107 25.31 12.47 -29.86
CA LYS C 107 26.49 11.74 -30.27
C LYS C 107 27.75 12.50 -29.87
N LEU C 108 28.77 11.77 -29.47
CA LEU C 108 30.07 12.37 -29.19
C LEU C 108 30.74 12.75 -30.50
N ALA C 109 31.25 13.98 -30.56
CA ALA C 109 31.89 14.48 -31.77
C ALA C 109 32.97 13.53 -32.26
N GLY C 110 32.93 13.21 -33.56
CA GLY C 110 33.93 12.35 -34.15
C GLY C 110 33.98 10.94 -33.58
N SER C 111 32.80 10.35 -33.37
CA SER C 111 32.68 8.99 -32.84
C SER C 111 31.24 8.57 -33.00
N ASN C 112 30.99 7.28 -32.78
CA ASN C 112 29.62 6.77 -32.75
C ASN C 112 29.14 6.49 -31.33
N ASP C 113 29.96 6.79 -30.33
CA ASP C 113 29.50 6.82 -28.95
C ASP C 113 28.50 7.95 -28.76
N TYR C 114 27.67 7.82 -27.73
CA TYR C 114 26.69 8.84 -27.44
C TYR C 114 26.35 8.84 -25.96
N TYR C 115 25.79 9.96 -25.52
CA TYR C 115 25.21 10.08 -24.19
C TYR C 115 23.70 10.00 -24.33
N GLU C 116 23.06 9.19 -23.49
CA GLU C 116 21.61 9.08 -23.50
C GLU C 116 21.06 9.49 -22.15
N HIS C 117 20.13 10.43 -22.16
CA HIS C 117 19.40 10.90 -21.00
C HIS C 117 17.99 10.32 -21.09
N ILE C 118 17.51 9.72 -19.99
CA ILE C 118 16.18 9.13 -19.95
C ILE C 118 15.49 9.59 -18.68
N VAL C 119 14.39 10.32 -18.82
CA VAL C 119 13.60 10.77 -17.69
C VAL C 119 12.17 10.31 -17.88
N THR C 120 11.60 9.69 -16.85
CA THR C 120 10.21 9.25 -16.84
C THR C 120 9.47 10.04 -15.78
N PHE C 121 8.34 10.63 -16.17
CA PHE C 121 7.51 11.40 -15.24
C PHE C 121 6.07 10.91 -15.32
N ASN C 122 5.33 11.15 -14.24
CA ASN C 122 3.93 10.73 -14.17
C ASN C 122 3.03 11.82 -14.76
N PHE C 123 2.11 11.41 -15.63
CA PHE C 123 1.27 12.38 -16.33
C PHE C 123 0.48 13.23 -15.35
N ASP C 124 -0.11 12.60 -14.33
CA ASP C 124 -0.98 13.34 -13.42
C ASP C 124 -0.18 14.31 -12.55
N THR C 125 0.87 13.83 -11.90
CA THR C 125 1.60 14.65 -10.94
C THR C 125 2.73 15.45 -11.57
N LYS C 126 3.17 15.07 -12.78
CA LYS C 126 4.40 15.55 -13.42
C LYS C 126 5.64 15.39 -12.54
N GLY C 127 5.54 14.57 -11.48
CA GLY C 127 6.70 14.24 -10.71
C GLY C 127 7.59 13.23 -11.43
N ILE C 128 8.89 13.31 -11.16
CA ILE C 128 9.84 12.38 -11.77
C ILE C 128 9.70 11.03 -11.10
N ARG C 129 9.50 9.99 -11.90
CA ARG C 129 9.46 8.62 -11.39
C ARG C 129 10.80 7.91 -11.55
N SER C 130 11.60 8.29 -12.56
CA SER C 130 12.94 7.75 -12.69
C SER C 130 13.74 8.69 -13.59
N GLU C 131 15.05 8.72 -13.36
CA GLU C 131 15.95 9.42 -14.27
C GLU C 131 17.26 8.67 -14.32
N GLU C 132 17.89 8.65 -15.49
CA GLU C 132 19.21 8.07 -15.64
C GLU C 132 19.89 8.69 -16.84
N GLY C 133 21.20 8.51 -16.90
CA GLY C 133 21.99 9.05 -18.00
C GLY C 133 23.25 8.24 -18.15
N HIS C 134 23.61 7.89 -19.38
CA HIS C 134 24.71 6.97 -19.62
C HIS C 134 25.50 7.35 -20.86
N LEU C 135 26.82 7.40 -20.74
CA LEU C 135 27.69 7.32 -21.90
C LEU C 135 27.61 5.92 -22.49
N ARG C 136 27.17 5.82 -23.74
CA ARG C 136 26.98 4.55 -24.41
C ARG C 136 28.06 4.36 -25.46
N SER C 137 28.77 3.23 -25.40
CA SER C 137 29.67 2.86 -26.49
C SER C 137 29.03 1.77 -27.34
N SER D 13 -13.71 32.62 38.37
CA SER D 13 -13.58 33.55 37.25
C SER D 13 -12.99 32.85 36.03
N GLN D 14 -13.28 33.39 34.84
CA GLN D 14 -12.64 32.88 33.64
C GLN D 14 -11.14 33.10 33.67
N THR D 15 -10.69 34.17 34.35
CA THR D 15 -9.26 34.43 34.42
C THR D 15 -8.54 33.35 35.22
N GLN D 16 -9.16 32.87 36.30
CA GLN D 16 -8.57 31.78 37.06
C GLN D 16 -8.67 30.46 36.31
N ARG D 17 -9.79 30.25 35.60
CA ARG D 17 -9.98 28.99 34.88
C ARG D 17 -8.89 28.77 33.85
N TYR D 19 -5.81 29.81 34.08
CA TYR D 19 -4.66 29.35 34.83
C TYR D 19 -4.83 27.88 35.23
N ASN D 20 -6.02 27.50 35.70
CA ASN D 20 -6.26 26.12 36.10
C ASN D 20 -6.14 25.17 34.90
N TYR D 21 -6.51 25.63 33.70
CA TYR D 21 -6.39 24.78 32.53
C TYR D 21 -4.93 24.61 32.14
N LEU D 22 -4.17 25.70 32.11
CA LEU D 22 -2.75 25.61 31.78
C LEU D 22 -2.00 24.76 32.79
N LYS D 23 -2.39 24.82 34.07
CA LYS D 23 -1.71 24.01 35.08
C LYS D 23 -2.06 22.53 34.92
N ALA D 24 -3.33 22.22 34.63
CA ALA D 24 -3.71 20.83 34.40
C ALA D 24 -3.00 20.26 33.18
N LYS D 25 -2.78 21.08 32.15
CA LYS D 25 -2.01 20.66 30.99
C LYS D 25 -0.53 20.34 31.34
N TYR D 26 0.17 21.22 32.13
CA TYR D 26 1.49 20.93 32.77
C TYR D 26 1.43 19.58 33.48
N THR D 27 0.46 19.43 34.40
CA THR D 27 0.45 18.28 35.29
C THR D 27 0.23 17.00 34.50
N ALA D 28 -0.72 17.02 33.57
CA ALA D 28 -0.96 15.85 32.72
C ALA D 28 0.27 15.51 31.91
N THR D 29 0.91 16.51 31.30
CA THR D 29 2.13 16.27 30.53
C THR D 29 3.21 15.65 31.41
N SER D 30 3.31 16.11 32.67
CA SER D 30 4.32 15.58 33.57
C SER D 30 4.05 14.12 33.91
N GLY D 31 2.77 13.77 34.10
CA GLY D 31 2.43 12.38 34.32
C GLY D 31 2.86 11.48 33.16
N THR D 32 2.68 11.96 31.94
CA THR D 32 3.11 11.20 30.77
C THR D 32 4.62 11.00 30.77
N GLN D 33 5.37 12.06 31.08
CA GLN D 33 6.81 11.98 31.15
C GLN D 33 7.26 10.96 32.18
N LEU D 34 6.61 10.94 33.34
CA LEU D 34 6.98 9.99 34.38
C LEU D 34 6.58 8.57 34.01
N ALA D 35 5.44 8.41 33.33
CA ALA D 35 5.06 7.08 32.86
C ALA D 35 6.08 6.56 31.85
N TRP D 36 6.53 7.42 30.93
CA TRP D 36 7.54 7.04 29.96
C TRP D 36 8.84 6.64 30.63
N GLY D 37 9.27 7.42 31.63
CA GLY D 37 10.48 7.07 32.36
C GLY D 37 10.35 5.75 33.10
N ALA D 38 9.21 5.52 33.74
CA ALA D 38 9.00 4.26 34.44
C ALA D 38 8.98 3.09 33.48
N TYR D 39 8.45 3.31 32.28
CA TYR D 39 8.44 2.28 31.26
C TYR D 39 9.86 1.93 30.81
N LEU D 40 10.66 2.95 30.52
CA LEU D 40 11.95 2.73 29.87
C LEU D 40 13.06 2.37 30.85
N ASP D 41 13.02 2.88 32.07
CA ASP D 41 14.23 2.88 32.91
C ASP D 41 14.40 1.52 33.56
N PRO D 42 15.55 0.85 33.38
CA PRO D 42 15.76 -0.43 34.03
C PRO D 42 15.90 -0.27 35.54
N VAL D 43 15.63 -1.36 36.25
CA VAL D 43 15.74 -1.41 37.70
C VAL D 43 16.59 -2.62 38.07
N ASP D 44 17.68 -2.38 38.79
CA ASP D 44 18.59 -3.46 39.22
C ASP D 44 19.05 -4.29 38.02
N GLY D 45 19.36 -3.63 36.91
CA GLY D 45 19.88 -4.31 35.75
C GLY D 45 18.90 -5.18 35.01
N ASN D 46 17.60 -4.98 35.21
CA ASN D 46 16.56 -5.69 34.49
C ASN D 46 15.57 -4.70 33.99
N PRO D 47 14.80 -5.02 32.93
CA PRO D 47 13.72 -4.15 32.51
C PRO D 47 12.74 -3.90 33.65
N SER D 48 12.10 -2.73 33.62
CA SER D 48 11.13 -2.39 34.63
C SER D 48 9.96 -3.38 34.58
N SER D 49 9.23 -3.47 35.69
CA SER D 49 8.14 -4.44 35.74
C SER D 49 7.05 -4.09 34.74
N VAL D 50 6.80 -2.80 34.51
CA VAL D 50 5.78 -2.43 33.53
C VAL D 50 6.26 -2.75 32.12
N TYR D 51 7.55 -2.52 31.84
CA TYR D 51 8.09 -2.91 30.54
C TYR D 51 7.95 -4.41 30.33
N ALA D 52 8.30 -5.19 31.36
CA ALA D 52 8.22 -6.64 31.26
C ALA D 52 6.81 -7.09 30.92
N GLU D 53 5.81 -6.46 31.53
CA GLU D 53 4.43 -6.81 31.25
C GLU D 53 4.06 -6.52 29.81
N PHE D 54 4.44 -5.34 29.30
CA PHE D 54 4.09 -5.02 27.92
C PHE D 54 4.92 -5.81 26.93
N ASP D 55 6.15 -6.18 27.30
CA ASP D 55 6.93 -7.08 26.45
C ASP D 55 6.23 -8.43 26.30
N GLU D 56 5.70 -8.96 27.41
CA GLU D 56 4.98 -10.23 27.32
C GLU D 56 3.72 -10.07 26.49
N ARG D 57 2.98 -8.98 26.69
CA ARG D 57 1.80 -8.75 25.85
C ARG D 57 2.19 -8.60 24.39
N ALA D 58 3.24 -7.83 24.10
CA ALA D 58 3.59 -7.53 22.72
C ALA D 58 3.94 -8.77 21.92
N HIS D 59 4.38 -9.83 22.58
CA HIS D 59 4.75 -11.08 21.91
C HIS D 59 3.67 -12.15 22.06
N ASN D 60 2.51 -11.79 22.59
CA ASN D 60 1.37 -12.68 22.76
C ASN D 60 0.39 -12.47 21.61
N VAL D 61 -0.10 -13.55 21.01
CA VAL D 61 -1.09 -13.41 19.95
C VAL D 61 -2.46 -13.02 20.49
N ASP D 62 -2.69 -13.17 21.80
CA ASP D 62 -3.97 -12.84 22.43
C ASP D 62 -3.68 -12.19 23.78
N PRO D 63 -3.15 -10.97 23.77
CA PRO D 63 -2.64 -10.39 25.01
C PRO D 63 -3.74 -9.86 25.91
N SER D 64 -3.39 -9.76 27.19
CA SER D 64 -4.23 -9.05 28.15
C SER D 64 -4.46 -7.61 27.68
N THR D 65 -5.67 -7.11 27.90
CA THR D 65 -5.98 -5.71 27.67
C THR D 65 -6.41 -5.02 28.96
N GLU D 66 -5.97 -5.56 30.09
CA GLU D 66 -6.23 -4.92 31.39
C GLU D 66 -5.38 -3.66 31.50
N PRO D 67 -5.96 -2.49 31.76
CA PRO D 67 -5.14 -1.30 31.97
C PRO D 67 -4.26 -1.43 33.21
N ILE D 68 -3.14 -0.71 33.18
CA ILE D 68 -2.21 -0.59 34.30
C ILE D 68 -2.31 0.85 34.79
N LYS D 69 -2.85 1.03 35.99
CA LYS D 69 -3.19 2.36 36.49
C LYS D 69 -2.22 2.79 37.58
N SER D 70 -1.89 4.07 37.59
CA SER D 70 -1.17 4.69 38.70
C SER D 70 -1.65 6.13 38.86
N THR D 71 -1.68 6.61 40.10
CA THR D 71 -2.12 7.95 40.45
C THR D 71 -0.98 8.65 41.16
N HIS D 72 -0.38 9.64 40.50
CA HIS D 72 0.84 10.28 41.02
C HIS D 72 0.57 11.70 41.49
N THR D 73 0.91 11.96 42.75
CA THR D 73 0.75 13.27 43.37
C THR D 73 2.09 14.00 43.38
N PHE D 74 2.08 15.24 42.86
CA PHE D 74 3.31 16.03 42.71
C PHE D 74 3.62 16.80 43.99
N LYS D 75 4.58 17.72 43.91
CA LYS D 75 5.02 18.49 45.08
C LYS D 75 3.90 19.35 45.63
N ASP D 76 3.32 20.18 44.77
CA ASP D 76 2.29 21.12 45.15
C ASP D 76 0.97 20.46 45.39
N GLY D 77 0.88 19.13 45.33
CA GLY D 77 -0.37 18.43 45.57
C GLY D 77 -1.22 18.18 44.35
N SER D 78 -0.83 18.67 43.18
CA SER D 78 -1.58 18.35 41.98
C SER D 78 -1.37 16.89 41.59
N VAL D 79 -2.39 16.29 40.99
CA VAL D 79 -2.45 14.85 40.77
C VAL D 79 -2.65 14.56 39.29
N ALA D 80 -1.90 13.60 38.77
CA ALA D 80 -2.09 13.07 37.44
C ALA D 80 -2.52 11.61 37.56
N GLU D 81 -3.69 11.28 37.04
CA GLU D 81 -4.14 9.90 36.98
C GLU D 81 -3.65 9.30 35.66
N ILE D 82 -2.88 8.22 35.77
CA ILE D 82 -2.15 7.66 34.63
C ILE D 82 -2.64 6.25 34.37
N GLU D 83 -2.75 5.92 33.09
CA GLU D 83 -3.23 4.62 32.65
C GLU D 83 -2.38 4.21 31.46
N ASN D 85 -2.02 0.99 28.55
CA ASN D 85 -2.63 -0.20 27.98
C ASN D 85 -2.11 -0.32 26.56
N GLY D 86 -2.33 -1.49 25.97
CA GLY D 86 -1.92 -1.69 24.60
C GLY D 86 -2.91 -2.56 23.86
N GLN D 87 -2.73 -2.61 22.54
CA GLN D 87 -3.55 -3.47 21.70
C GLN D 87 -2.79 -3.81 20.44
N LEU D 88 -3.05 -5.00 19.92
CA LEU D 88 -2.60 -5.35 18.58
C LEU D 88 -3.48 -4.64 17.56
N VAL D 89 -2.86 -4.10 16.53
CA VAL D 89 -3.58 -3.28 15.57
C VAL D 89 -3.79 -4.03 14.26
N ASP D 90 -4.86 -3.66 13.56
CA ASP D 90 -5.11 -4.04 12.17
C ASP D 90 -5.30 -5.55 12.00
N GLY D 91 -5.72 -6.24 13.06
CA GLY D 91 -5.92 -7.67 12.99
C GLY D 91 -4.66 -8.51 12.97
N LEU D 92 -3.50 -7.88 13.13
CA LEU D 92 -2.20 -8.53 13.04
C LEU D 92 -1.70 -8.96 14.43
N THR D 93 -0.56 -9.65 14.43
CA THR D 93 0.07 -10.09 15.67
C THR D 93 1.55 -9.69 15.63
N GLY D 94 2.19 -9.76 16.79
CA GLY D 94 3.61 -9.48 16.88
C GLY D 94 3.91 -8.10 17.43
N PRO D 95 5.10 -7.94 17.98
CA PRO D 95 5.42 -6.67 18.67
C PRO D 95 5.45 -5.47 17.74
N GLU D 96 5.76 -5.68 16.45
CA GLU D 96 5.73 -4.53 15.55
C GLU D 96 4.31 -4.06 15.26
N ASN D 97 3.30 -4.84 15.65
CA ASN D 97 1.90 -4.47 15.49
C ASN D 97 1.22 -4.22 16.82
N TYR D 98 2.00 -3.93 17.86
CA TYR D 98 1.49 -3.75 19.20
C TYR D 98 1.73 -2.30 19.59
N ASN D 99 0.65 -1.54 19.76
CA ASN D 99 0.70 -0.13 20.08
C ASN D 99 0.25 0.09 21.52
N ILE D 100 0.98 0.92 22.24
CA ILE D 100 0.76 1.15 23.67
C ILE D 100 0.34 2.60 23.85
N THR D 101 -0.68 2.81 24.68
CA THR D 101 -1.23 4.14 24.91
C THR D 101 -1.02 4.55 26.36
N ILE D 102 -0.43 5.73 26.54
CA ILE D 102 -0.38 6.39 27.85
C ILE D 102 -1.51 7.41 27.88
N LYS D 103 -2.36 7.33 28.90
CA LYS D 103 -3.35 8.36 29.19
C LYS D 103 -3.02 8.99 30.53
N SER D 104 -2.93 10.32 30.56
CA SER D 104 -2.63 11.08 31.76
C SER D 104 -3.67 12.18 31.91
N LYS D 105 -4.44 12.12 33.00
CA LYS D 105 -5.52 13.08 33.28
C LYS D 105 -5.22 13.86 34.55
N SER D 106 -5.49 15.17 34.51
CA SER D 106 -5.36 16.03 35.68
C SER D 106 -6.58 16.96 35.75
N LYS D 107 -7.26 16.96 36.89
CA LYS D 107 -8.41 17.83 37.07
C LYS D 107 -7.99 19.29 37.20
N LEU D 108 -8.83 20.18 36.66
CA LEU D 108 -8.64 21.60 36.88
C LEU D 108 -9.04 21.95 38.31
N ALA D 109 -8.23 22.79 38.96
CA ALA D 109 -8.45 23.15 40.35
C ALA D 109 -9.86 23.65 40.58
N GLY D 110 -10.53 23.07 41.57
CA GLY D 110 -11.88 23.51 41.92
C GLY D 110 -12.89 23.35 40.80
N SER D 111 -12.87 22.20 40.12
CA SER D 111 -13.76 21.94 39.01
C SER D 111 -13.68 20.47 38.68
N ASN D 112 -14.73 19.95 38.06
CA ASN D 112 -14.70 18.59 37.55
C ASN D 112 -14.17 18.50 36.13
N ASP D 113 -13.85 19.63 35.51
CA ASP D 113 -13.18 19.63 34.22
C ASP D 113 -11.76 19.09 34.37
N TYR D 114 -11.24 18.51 33.29
CA TYR D 114 -9.91 17.93 33.34
C TYR D 114 -9.24 18.05 31.98
N TYR D 115 -7.91 18.06 32.01
CA TYR D 115 -7.10 17.92 30.80
C TYR D 115 -6.67 16.48 30.66
N GLU D 116 -6.75 15.95 29.45
CA GLU D 116 -6.39 14.56 29.18
C GLU D 116 -5.36 14.52 28.07
N HIS D 117 -4.22 13.89 28.36
CA HIS D 117 -3.15 13.68 27.41
C HIS D 117 -3.16 12.20 27.01
N ILE D 118 -3.16 11.94 25.71
CA ILE D 118 -3.20 10.57 25.20
C ILE D 118 -2.08 10.44 24.18
N VAL D 119 -1.13 9.55 24.45
CA VAL D 119 0.02 9.36 23.57
C VAL D 119 0.12 7.87 23.26
N THR D 120 0.18 7.54 21.98
CA THR D 120 0.24 6.15 21.55
C THR D 120 1.55 5.94 20.80
N PHE D 121 2.33 4.96 21.26
CA PHE D 121 3.61 4.65 20.64
C PHE D 121 3.65 3.16 20.31
N ASN D 122 4.50 2.82 19.34
CA ASN D 122 4.64 1.44 18.90
C ASN D 122 5.66 0.72 19.79
N PHE D 123 5.35 -0.51 20.19
CA PHE D 123 6.25 -1.23 21.07
C PHE D 123 7.61 -1.46 20.41
N ASP D 124 7.60 -1.88 19.15
CA ASP D 124 8.85 -2.26 18.49
C ASP D 124 9.74 -1.04 18.23
N THR D 125 9.17 0.03 17.67
CA THR D 125 9.97 1.18 17.28
C THR D 125 10.09 2.24 18.38
N LYS D 126 9.21 2.21 19.38
CA LYS D 126 9.05 3.26 20.39
C LYS D 126 8.71 4.62 19.76
N GLY D 127 8.34 4.65 18.49
CA GLY D 127 7.96 5.89 17.85
C GLY D 127 6.52 6.27 18.13
N ILE D 128 6.26 7.57 18.08
CA ILE D 128 4.93 8.10 18.36
C ILE D 128 4.03 7.80 17.16
N ARG D 129 2.93 7.09 17.41
CA ARG D 129 1.95 6.85 16.36
C ARG D 129 0.82 7.87 16.36
N SER D 130 0.51 8.44 17.53
CA SER D 130 -0.47 9.51 17.61
C SER D 130 -0.36 10.15 18.98
N GLU D 131 -0.65 11.45 19.04
CA GLU D 131 -0.75 12.14 20.32
C GLU D 131 -1.90 13.12 20.26
N GLU D 132 -2.57 13.29 21.39
CA GLU D 132 -3.64 14.28 21.47
C GLU D 132 -3.78 14.74 22.91
N GLY D 133 -4.38 15.90 23.08
CA GLY D 133 -4.62 16.44 24.41
C GLY D 133 -5.81 17.39 24.38
N HIS D 134 -6.70 17.29 25.37
CA HIS D 134 -7.93 18.05 25.34
C HIS D 134 -8.32 18.51 26.72
N LEU D 135 -8.81 19.74 26.80
CA LEU D 135 -9.61 20.15 27.95
C LEU D 135 -10.99 19.52 27.84
N ARG D 136 -11.36 18.70 28.82
CA ARG D 136 -12.63 18.01 28.85
C ARG D 136 -13.55 18.63 29.90
N SER D 137 -14.83 18.73 29.57
CA SER D 137 -15.80 19.33 30.48
C SER D 137 -16.62 18.27 31.19
N ALA D 138 -17.18 18.66 32.34
CA ALA D 138 -18.05 17.81 33.14
C ALA D 138 -17.40 16.47 33.48
#